data_6GNW
#
_entry.id   6GNW
#
_cell.length_a   72.061
_cell.length_b   76.088
_cell.length_c   107.456
_cell.angle_alpha   90.00
_cell.angle_beta   90.00
_cell.angle_gamma   90.00
#
_symmetry.space_group_name_H-M   'P 21 21 21'
#
loop_
_entity.id
_entity.type
_entity.pdbx_description
1 polymer Transthyretin
2 non-polymer '2-[2,4,5-tris(chloranyl)phenoxy]ethanoic acid'
3 water water
#
_entity_poly.entity_id   1
_entity_poly.type   'polypeptide(L)'
_entity_poly.pdbx_seq_one_letter_code
;GAMAPTPTDKHGGSDTRCPLMVKILDAVKGTPAGSVALKVSQKTADGGWTQIATGVTDATGEIHNLITEQQFPAGVYRVE
FDTKAYWTNQGSTPFHEVAEVVFDAHPEGHRHYTLALLLSPFSYTTTAVVSSVHE
;
_entity_poly.pdbx_strand_id   A,B,C,D
#
# COMPACT_ATOMS: atom_id res chain seq x y z
N CYS A 18 -18.16 16.55 12.14
CA CYS A 18 -17.84 15.40 11.29
C CYS A 18 -16.91 14.43 12.00
N PRO A 19 -17.47 13.54 12.83
CA PRO A 19 -16.64 12.54 13.51
C PRO A 19 -16.08 11.45 12.60
N LEU A 20 -16.64 11.27 11.40
CA LEU A 20 -16.26 10.18 10.51
C LEU A 20 -16.05 10.76 9.12
N MET A 21 -14.81 10.75 8.66
CA MET A 21 -14.43 11.28 7.36
C MET A 21 -13.76 10.18 6.53
N VAL A 22 -13.75 10.41 5.22
CA VAL A 22 -13.04 9.52 4.29
C VAL A 22 -12.16 10.37 3.40
N LYS A 23 -11.12 9.73 2.87
CA LYS A 23 -10.29 10.33 1.83
C LYS A 23 -9.87 9.23 0.86
N ILE A 24 -10.41 9.27 -0.36
CA ILE A 24 -10.19 8.23 -1.35
C ILE A 24 -9.40 8.80 -2.52
N LEU A 25 -8.34 8.08 -2.89
CA LEU A 25 -7.45 8.47 -3.98
C LEU A 25 -7.43 7.39 -5.06
N ASP A 26 -7.24 7.81 -6.32
CA ASP A 26 -7.17 6.93 -7.46
C ASP A 26 -5.71 6.79 -7.88
N ALA A 27 -5.15 5.58 -7.77
CA ALA A 27 -3.72 5.34 -8.01
C ALA A 27 -3.41 5.13 -9.49
N VAL A 28 -4.42 5.10 -10.34
CA VAL A 28 -4.20 5.02 -11.78
C VAL A 28 -4.02 6.42 -12.38
N LYS A 29 -4.90 7.36 -12.01
CA LYS A 29 -4.96 8.72 -12.54
C LYS A 29 -4.19 9.73 -11.72
N GLY A 30 -3.85 9.43 -10.47
CA GLY A 30 -3.26 10.45 -9.61
C GLY A 30 -4.19 11.59 -9.27
N THR A 31 -5.46 11.28 -8.95
CA THR A 31 -6.44 12.28 -8.54
C THR A 31 -7.21 11.71 -7.35
N PRO A 32 -7.97 12.53 -6.62
CA PRO A 32 -8.97 11.96 -5.72
C PRO A 32 -9.95 11.13 -6.51
N ALA A 33 -10.59 10.18 -5.83
CA ALA A 33 -11.61 9.33 -6.43
C ALA A 33 -12.96 9.98 -6.15
N GLY A 34 -13.53 10.61 -7.19
CA GLY A 34 -14.83 11.25 -7.07
C GLY A 34 -15.98 10.29 -7.33
N SER A 35 -17.10 10.58 -6.69
CA SER A 35 -18.35 9.85 -6.93
C SER A 35 -18.24 8.38 -6.54
N VAL A 36 -17.48 8.09 -5.46
CA VAL A 36 -17.44 6.75 -4.88
C VAL A 36 -18.58 6.67 -3.88
N ALA A 37 -19.45 5.70 -4.09
CA ALA A 37 -20.58 5.47 -3.19
C ALA A 37 -20.14 4.63 -1.99
N LEU A 38 -20.69 4.94 -0.83
CA LEU A 38 -20.42 4.09 0.33
C LEU A 38 -21.64 3.99 1.22
N LYS A 39 -21.59 3.01 2.11
CA LYS A 39 -22.66 2.71 3.07
C LYS A 39 -22.02 2.50 4.44
N VAL A 40 -22.60 3.11 5.48
CA VAL A 40 -22.12 2.98 6.85
C VAL A 40 -23.12 2.16 7.63
N SER A 41 -22.65 1.10 8.29
CA SER A 41 -23.47 0.25 9.13
C SER A 41 -22.89 0.20 10.54
N GLN A 42 -23.77 -0.05 11.50
CA GLN A 42 -23.37 -0.21 12.89
C GLN A 42 -23.68 -1.64 13.31
N LYS A 43 -22.81 -2.15 14.16
CA LYS A 43 -22.98 -3.50 14.69
C LYS A 43 -24.07 -3.50 15.74
N THR A 44 -25.00 -4.40 15.60
CA THR A 44 -26.11 -4.50 16.53
C THR A 44 -25.73 -5.40 17.70
N ALA A 45 -26.50 -5.27 18.77
CA ALA A 45 -26.26 -6.00 20.01
C ALA A 45 -26.22 -7.52 19.78
N ASP A 46 -27.00 -8.02 18.84
CA ASP A 46 -27.02 -9.46 18.58
C ASP A 46 -25.93 -9.93 17.63
N GLY A 47 -25.05 -9.04 17.16
CA GLY A 47 -23.95 -9.48 16.34
C GLY A 47 -24.08 -9.20 14.86
N GLY A 48 -25.23 -8.69 14.41
CA GLY A 48 -25.43 -8.34 13.02
C GLY A 48 -25.07 -6.89 12.73
N TRP A 49 -25.56 -6.41 11.59
CA TRP A 49 -25.32 -5.05 11.09
C TRP A 49 -26.64 -4.37 10.79
N THR A 50 -26.66 -3.05 10.94
CA THR A 50 -27.77 -2.27 10.40
C THR A 50 -27.22 -0.99 9.74
N GLN A 51 -27.74 -0.67 8.56
CA GLN A 51 -27.24 0.47 7.80
C GLN A 51 -27.80 1.78 8.33
N ILE A 52 -26.92 2.72 8.65
CA ILE A 52 -27.32 4.00 9.21
C ILE A 52 -27.10 5.18 8.28
N ALA A 53 -26.27 5.06 7.25
CA ALA A 53 -26.04 6.21 6.38
C ALA A 53 -25.46 5.76 5.04
N THR A 54 -25.65 6.61 4.03
CA THR A 54 -25.00 6.46 2.74
C THR A 54 -24.36 7.79 2.38
N GLY A 55 -23.40 7.74 1.46
CA GLY A 55 -22.75 8.93 0.94
C GLY A 55 -22.07 8.63 -0.38
N VAL A 56 -21.68 9.71 -1.05
CA VAL A 56 -20.92 9.65 -2.30
C VAL A 56 -19.80 10.69 -2.19
N THR A 57 -18.57 10.28 -2.52
CA THR A 57 -17.47 11.25 -2.45
C THR A 57 -17.63 12.36 -3.48
N ASP A 58 -17.18 13.54 -3.08
CA ASP A 58 -17.08 14.69 -3.98
C ASP A 58 -15.77 14.59 -4.78
N ALA A 59 -15.46 15.63 -5.55
CA ALA A 59 -14.31 15.59 -6.43
C ALA A 59 -13.00 15.65 -5.68
N THR A 60 -13.00 15.94 -4.38
CA THR A 60 -11.81 15.83 -3.56
C THR A 60 -11.67 14.46 -2.88
N GLY A 61 -12.59 13.53 -3.15
CA GLY A 61 -12.47 12.21 -2.56
C GLY A 61 -12.94 12.15 -1.12
N GLU A 62 -13.77 13.11 -0.71
CA GLU A 62 -14.21 13.28 0.67
C GLU A 62 -15.74 13.31 0.70
N ILE A 63 -16.29 13.10 1.90
CA ILE A 63 -17.72 13.24 2.12
C ILE A 63 -17.89 14.14 3.35
N HIS A 64 -18.46 15.32 3.17
CA HIS A 64 -18.68 16.18 4.31
C HIS A 64 -20.04 15.87 4.92
N ASN A 65 -20.09 15.90 6.26
CA ASN A 65 -21.34 15.62 6.99
C ASN A 65 -21.88 14.22 6.65
N LEU A 66 -20.98 13.23 6.67
CA LEU A 66 -21.41 11.87 6.38
C LEU A 66 -22.41 11.39 7.43
N ILE A 67 -22.09 11.60 8.71
CA ILE A 67 -22.98 11.32 9.83
C ILE A 67 -22.73 12.37 10.90
N THR A 68 -23.67 12.48 11.82
CA THR A 68 -23.55 13.39 12.94
C THR A 68 -22.93 12.68 14.13
N GLU A 69 -22.44 13.49 15.08
CA GLU A 69 -21.90 12.93 16.32
C GLU A 69 -22.95 12.12 17.05
N GLN A 70 -24.21 12.57 17.01
CA GLN A 70 -25.25 11.80 17.69
C GLN A 70 -25.47 10.45 17.03
N GLN A 71 -25.25 10.36 15.72
CA GLN A 71 -25.31 9.08 15.01
C GLN A 71 -24.05 8.23 15.19
N PHE A 72 -23.01 8.72 15.87
CA PHE A 72 -21.72 8.02 15.92
C PHE A 72 -21.28 7.76 17.36
N PRO A 73 -22.06 7.03 18.14
CA PRO A 73 -21.63 6.65 19.47
C PRO A 73 -20.59 5.54 19.39
N ALA A 74 -19.95 5.28 20.53
CA ALA A 74 -19.01 4.17 20.63
C ALA A 74 -19.64 2.88 20.11
N GLY A 75 -18.84 2.07 19.43
CA GLY A 75 -19.31 0.79 18.92
C GLY A 75 -18.57 0.42 17.64
N VAL A 76 -18.92 -0.75 17.10
CA VAL A 76 -18.24 -1.27 15.90
C VAL A 76 -19.02 -0.84 14.67
N TYR A 77 -18.29 -0.32 13.68
CA TYR A 77 -18.84 0.15 12.42
C TYR A 77 -18.21 -0.54 11.22
N ARG A 78 -18.98 -0.59 10.15
CA ARG A 78 -18.55 -1.11 8.86
C ARG A 78 -18.82 -0.05 7.81
N VAL A 79 -17.80 0.29 7.06
CA VAL A 79 -17.96 1.18 5.90
C VAL A 79 -17.69 0.34 4.65
N GLU A 80 -18.66 0.32 3.76
N GLU A 80 -18.71 0.22 3.80
CA GLU A 80 -18.65 -0.49 2.55
CA GLU A 80 -18.63 -0.50 2.55
C GLU A 80 -18.48 0.45 1.37
C GLU A 80 -18.44 0.52 1.45
N PHE A 81 -17.31 0.43 0.74
CA PHE A 81 -17.00 1.31 -0.38
C PHE A 81 -17.28 0.57 -1.70
N ASP A 82 -18.08 1.17 -2.58
CA ASP A 82 -18.46 0.49 -3.82
C ASP A 82 -17.38 0.73 -4.87
N THR A 83 -16.26 0.03 -4.71
CA THR A 83 -15.12 0.19 -5.59
C THR A 83 -15.39 -0.47 -6.94
N LYS A 84 -16.23 -1.50 -6.98
CA LYS A 84 -16.50 -2.16 -8.25
C LYS A 84 -17.20 -1.21 -9.22
N ALA A 85 -18.19 -0.45 -8.73
CA ALA A 85 -18.87 0.52 -9.56
C ALA A 85 -17.94 1.65 -9.97
N TYR A 86 -17.09 2.11 -9.03
CA TYR A 86 -16.15 3.15 -9.37
C TYR A 86 -15.31 2.74 -10.59
N TRP A 87 -14.68 1.57 -10.53
CA TRP A 87 -13.82 1.13 -11.63
C TRP A 87 -14.62 0.86 -12.90
N THR A 88 -15.78 0.21 -12.77
CA THR A 88 -16.63 -0.01 -13.95
C THR A 88 -16.93 1.32 -14.65
N ASN A 89 -17.25 2.36 -13.87
CA ASN A 89 -17.61 3.65 -14.45
C ASN A 89 -16.39 4.40 -15.00
N GLN A 90 -15.16 4.00 -14.60
CA GLN A 90 -13.92 4.48 -15.19
C GLN A 90 -13.55 3.73 -16.47
N GLY A 91 -14.31 2.68 -16.82
CA GLY A 91 -13.99 1.82 -17.93
C GLY A 91 -12.90 0.80 -17.70
N SER A 92 -12.61 0.47 -16.44
CA SER A 92 -11.64 -0.56 -16.08
C SER A 92 -12.36 -1.79 -15.53
N THR A 93 -11.62 -2.93 -15.50
CA THR A 93 -12.14 -4.15 -14.91
C THR A 93 -11.57 -4.32 -13.52
N PRO A 94 -12.38 -4.28 -12.47
CA PRO A 94 -11.86 -4.40 -11.11
C PRO A 94 -11.87 -5.84 -10.62
N PHE A 95 -11.07 -6.08 -9.59
CA PHE A 95 -11.04 -7.39 -8.97
C PHE A 95 -12.06 -7.52 -7.84
N HIS A 96 -12.12 -6.53 -6.96
CA HIS A 96 -12.91 -6.66 -5.75
C HIS A 96 -14.36 -6.29 -6.00
N GLU A 97 -15.26 -7.02 -5.32
CA GLU A 97 -16.67 -6.69 -5.35
C GLU A 97 -16.96 -5.41 -4.58
N VAL A 98 -16.18 -5.18 -3.53
CA VAL A 98 -16.40 -4.08 -2.62
C VAL A 98 -15.11 -3.96 -1.80
N ALA A 99 -14.92 -2.81 -1.16
CA ALA A 99 -13.89 -2.67 -0.14
C ALA A 99 -14.56 -2.36 1.20
N GLU A 100 -14.41 -3.26 2.17
CA GLU A 100 -14.98 -3.11 3.50
C GLU A 100 -13.92 -2.72 4.53
N VAL A 101 -14.27 -1.76 5.38
CA VAL A 101 -13.44 -1.32 6.51
C VAL A 101 -14.29 -1.45 7.78
N VAL A 102 -13.81 -2.27 8.72
CA VAL A 102 -14.54 -2.58 9.95
C VAL A 102 -13.67 -2.22 11.13
N PHE A 103 -14.22 -1.43 12.05
CA PHE A 103 -13.43 -0.93 13.17
C PHE A 103 -14.31 -0.62 14.37
N ASP A 104 -13.70 -0.69 15.56
CA ASP A 104 -14.36 -0.34 16.81
C ASP A 104 -14.05 1.13 17.08
N ALA A 105 -15.08 1.94 17.21
CA ALA A 105 -14.91 3.37 17.41
C ALA A 105 -15.16 3.76 18.86
N HIS A 106 -14.33 4.67 19.37
CA HIS A 106 -14.48 5.24 20.71
C HIS A 106 -14.46 6.75 20.54
N PRO A 107 -15.57 7.34 20.10
CA PRO A 107 -15.58 8.78 19.81
C PRO A 107 -15.54 9.66 21.05
N GLU A 108 -15.45 9.05 22.23
N GLU A 108 -15.48 9.05 22.23
CA GLU A 108 -15.38 9.81 23.47
CA GLU A 108 -15.34 9.79 23.48
C GLU A 108 -14.30 10.89 23.39
C GLU A 108 -14.31 10.90 23.36
N GLY A 109 -14.67 12.09 23.80
CA GLY A 109 -13.75 13.23 23.77
C GLY A 109 -13.55 13.82 22.39
N HIS A 110 -14.58 13.87 21.55
CA HIS A 110 -14.50 14.39 20.19
C HIS A 110 -13.34 13.74 19.43
N ARG A 111 -13.21 12.42 19.59
N ARG A 111 -13.22 12.42 19.58
CA ARG A 111 -12.22 11.64 18.86
CA ARG A 111 -12.24 11.63 18.86
C ARG A 111 -12.75 11.39 17.46
C ARG A 111 -12.77 11.40 17.45
N HIS A 112 -12.01 11.86 16.45
CA HIS A 112 -12.43 11.82 15.05
C HIS A 112 -11.67 10.74 14.28
N TYR A 113 -12.34 10.20 13.28
CA TYR A 113 -11.85 9.08 12.49
C TYR A 113 -11.82 9.48 11.01
N THR A 114 -10.67 9.28 10.38
CA THR A 114 -10.56 9.43 8.93
C THR A 114 -10.12 8.10 8.33
N LEU A 115 -10.92 7.59 7.41
CA LEU A 115 -10.59 6.37 6.68
C LEU A 115 -9.98 6.75 5.34
N ALA A 116 -8.71 6.42 5.15
CA ALA A 116 -8.04 6.68 3.90
C ALA A 116 -8.02 5.42 3.06
N LEU A 117 -8.24 5.60 1.76
CA LEU A 117 -8.36 4.49 0.83
C LEU A 117 -7.69 4.88 -0.49
N LEU A 118 -6.75 4.05 -0.92
CA LEU A 118 -6.01 4.24 -2.15
C LEU A 118 -6.41 3.11 -3.09
N LEU A 119 -7.02 3.45 -4.23
CA LEU A 119 -7.62 2.47 -5.12
C LEU A 119 -6.82 2.22 -6.39
N SER A 120 -6.67 0.96 -6.75
CA SER A 120 -6.22 0.47 -8.04
C SER A 120 -7.17 -0.64 -8.46
N PRO A 121 -7.23 -0.97 -9.74
CA PRO A 121 -8.24 -1.97 -10.16
C PRO A 121 -8.12 -3.31 -9.45
N PHE A 122 -6.90 -3.80 -9.18
CA PHE A 122 -6.71 -5.08 -8.50
C PHE A 122 -6.13 -4.93 -7.10
N SER A 123 -6.20 -3.74 -6.50
CA SER A 123 -5.58 -3.53 -5.18
C SER A 123 -6.20 -2.34 -4.48
N TYR A 124 -6.21 -2.39 -3.15
CA TYR A 124 -6.46 -1.17 -2.40
C TYR A 124 -5.63 -1.22 -1.11
N THR A 125 -5.32 -0.03 -0.65
CA THR A 125 -4.67 0.21 0.63
C THR A 125 -5.63 1.02 1.49
N THR A 126 -5.86 0.58 2.71
N THR A 126 -5.88 0.54 2.71
CA THR A 126 -6.63 1.41 3.61
CA THR A 126 -6.68 1.25 3.71
C THR A 126 -5.93 1.58 4.94
C THR A 126 -5.79 1.60 4.91
N THR A 127 -5.96 2.81 5.42
CA THR A 127 -5.37 3.19 6.69
C THR A 127 -6.37 4.07 7.41
N ALA A 128 -6.10 4.32 8.69
CA ALA A 128 -6.96 5.20 9.48
C ALA A 128 -6.10 6.25 10.15
N VAL A 129 -6.66 7.44 10.29
CA VAL A 129 -6.09 8.48 11.13
C VAL A 129 -7.11 8.78 12.22
N VAL A 130 -6.70 8.62 13.47
CA VAL A 130 -7.59 8.78 14.61
C VAL A 130 -7.04 9.95 15.41
N SER A 131 -7.84 10.98 15.59
CA SER A 131 -7.36 12.20 16.21
C SER A 131 -7.22 12.01 17.72
N SER A 132 -6.62 13.02 18.37
CA SER A 132 -6.52 13.05 19.83
C SER A 132 -7.74 13.74 20.44
N CYS B 18 -3.82 -25.80 -6.00
CA CYS B 18 -5.00 -25.26 -5.33
C CYS B 18 -5.46 -24.00 -6.05
N PRO B 19 -6.78 -23.81 -6.18
CA PRO B 19 -7.27 -22.63 -6.91
C PRO B 19 -7.26 -21.33 -6.12
N LEU B 20 -7.17 -21.39 -4.79
CA LEU B 20 -7.24 -20.20 -3.94
C LEU B 20 -6.08 -20.24 -2.95
N MET B 21 -5.15 -19.29 -3.09
CA MET B 21 -3.99 -19.17 -2.24
C MET B 21 -4.01 -17.80 -1.58
N VAL B 22 -3.30 -17.69 -0.45
CA VAL B 22 -3.10 -16.42 0.22
C VAL B 22 -1.60 -16.23 0.46
N LYS B 23 -1.20 -14.97 0.59
CA LYS B 23 0.16 -14.66 1.00
C LYS B 23 0.07 -13.45 1.92
N ILE B 24 0.34 -13.63 3.21
CA ILE B 24 0.22 -12.54 4.18
C ILE B 24 1.59 -12.16 4.69
N LEU B 25 1.90 -10.86 4.66
CA LEU B 25 3.17 -10.33 5.14
C LEU B 25 2.94 -9.31 6.26
N ASP B 26 3.94 -9.21 7.14
CA ASP B 26 3.90 -8.32 8.30
C ASP B 26 4.83 -7.14 8.01
N ALA B 27 4.28 -5.96 7.92
CA ALA B 27 5.02 -4.76 7.51
C ALA B 27 5.76 -4.11 8.68
N VAL B 28 5.54 -4.60 9.88
CA VAL B 28 6.29 -4.11 11.05
C VAL B 28 7.59 -4.88 11.22
N LYS B 29 7.55 -6.20 11.07
CA LYS B 29 8.69 -7.08 11.33
C LYS B 29 9.48 -7.49 10.10
N GLY B 30 8.93 -7.32 8.90
CA GLY B 30 9.54 -7.85 7.70
C GLY B 30 9.62 -9.36 7.62
N THR B 31 8.54 -10.05 7.98
CA THR B 31 8.43 -11.49 7.91
C THR B 31 7.05 -11.78 7.34
N PRO B 32 6.82 -12.99 6.87
CA PRO B 32 5.43 -13.43 6.67
C PRO B 32 4.66 -13.39 7.98
N ALA B 33 3.33 -13.34 7.86
CA ALA B 33 2.44 -13.31 9.02
C ALA B 33 1.96 -14.74 9.27
N GLY B 34 2.60 -15.40 10.20
CA GLY B 34 2.23 -16.77 10.51
C GLY B 34 1.08 -16.83 11.52
N SER B 35 0.37 -17.95 11.48
CA SER B 35 -0.70 -18.25 12.41
C SER B 35 -1.85 -17.25 12.33
N VAL B 36 -2.14 -16.71 11.14
CA VAL B 36 -3.33 -15.89 10.94
C VAL B 36 -4.50 -16.81 10.54
N ALA B 37 -5.57 -16.75 11.31
CA ALA B 37 -6.76 -17.53 10.99
C ALA B 37 -7.61 -16.84 9.93
N LEU B 38 -8.22 -17.65 9.06
CA LEU B 38 -9.12 -17.10 8.07
C LEU B 38 -10.29 -18.04 7.82
N LYS B 39 -11.35 -17.46 7.26
CA LYS B 39 -12.57 -18.16 6.87
C LYS B 39 -12.90 -17.81 5.43
N VAL B 40 -13.28 -18.83 4.64
CA VAL B 40 -13.70 -18.65 3.25
C VAL B 40 -15.19 -18.95 3.18
N SER B 41 -15.96 -17.99 2.64
CA SER B 41 -17.40 -18.16 2.42
C SER B 41 -17.75 -17.94 0.95
N GLN B 42 -18.85 -18.56 0.55
CA GLN B 42 -19.36 -18.50 -0.82
C GLN B 42 -20.74 -17.85 -0.78
N LYS B 43 -20.96 -16.87 -1.65
CA LYS B 43 -22.22 -16.15 -1.64
C LYS B 43 -23.33 -17.05 -2.19
N THR B 44 -24.49 -16.98 -1.54
CA THR B 44 -25.66 -17.73 -1.96
C THR B 44 -26.58 -16.84 -2.76
N ALA B 45 -27.45 -17.49 -3.57
CA ALA B 45 -28.29 -16.73 -4.50
C ALA B 45 -29.13 -15.68 -3.77
N ASP B 46 -29.46 -15.91 -2.50
CA ASP B 46 -30.20 -14.93 -1.71
C ASP B 46 -29.34 -13.81 -1.15
N GLY B 47 -28.03 -13.82 -1.39
CA GLY B 47 -27.18 -12.82 -0.79
C GLY B 47 -26.65 -13.16 0.59
N GLY B 48 -26.89 -14.37 1.08
CA GLY B 48 -26.23 -14.85 2.27
C GLY B 48 -24.84 -15.33 1.93
N TRP B 49 -24.15 -15.83 2.97
CA TRP B 49 -22.81 -16.39 2.83
C TRP B 49 -22.80 -17.75 3.49
N THR B 50 -22.22 -18.73 2.81
CA THR B 50 -22.03 -20.05 3.37
C THR B 50 -20.54 -20.29 3.57
N GLN B 51 -20.14 -20.60 4.79
CA GLN B 51 -18.75 -20.92 5.05
C GLN B 51 -18.39 -22.25 4.42
N ILE B 52 -17.33 -22.28 3.63
CA ILE B 52 -16.86 -23.50 3.00
C ILE B 52 -15.51 -23.96 3.48
N ALA B 53 -14.72 -23.11 4.14
CA ALA B 53 -13.40 -23.54 4.56
C ALA B 53 -12.84 -22.60 5.62
N THR B 54 -11.96 -23.15 6.44
CA THR B 54 -11.19 -22.38 7.42
C THR B 54 -9.74 -22.85 7.37
N GLY B 55 -8.85 -22.03 7.92
CA GLY B 55 -7.46 -22.40 7.95
C GLY B 55 -6.66 -21.36 8.70
N VAL B 56 -5.38 -21.64 8.83
CA VAL B 56 -4.45 -20.77 9.55
C VAL B 56 -3.19 -20.73 8.72
N THR B 57 -2.60 -19.54 8.53
CA THR B 57 -1.38 -19.49 7.75
C THR B 57 -0.22 -20.17 8.47
N ASP B 58 0.65 -20.79 7.67
CA ASP B 58 1.90 -21.34 8.16
C ASP B 58 2.94 -20.23 8.29
N ALA B 59 4.18 -20.60 8.62
CA ALA B 59 5.18 -19.59 8.90
C ALA B 59 5.61 -18.83 7.65
N THR B 60 5.25 -19.27 6.45
CA THR B 60 5.48 -18.53 5.21
C THR B 60 4.32 -17.62 4.84
N GLY B 61 3.32 -17.49 5.71
CA GLY B 61 2.16 -16.65 5.42
C GLY B 61 1.23 -17.22 4.39
N GLU B 62 1.21 -18.54 4.23
CA GLU B 62 0.44 -19.23 3.20
C GLU B 62 -0.45 -20.28 3.83
N ILE B 63 -1.47 -20.71 3.09
CA ILE B 63 -2.25 -21.88 3.45
C ILE B 63 -2.29 -22.81 2.24
N HIS B 64 -1.65 -23.96 2.36
CA HIS B 64 -1.64 -24.90 1.24
C HIS B 64 -2.90 -25.76 1.29
N ASN B 65 -3.41 -26.05 0.09
CA ASN B 65 -4.61 -26.87 -0.08
C ASN B 65 -5.79 -26.33 0.73
N LEU B 66 -6.03 -25.03 0.60
CA LEU B 66 -7.12 -24.40 1.34
C LEU B 66 -8.47 -25.00 0.92
N ILE B 67 -8.71 -25.08 -0.39
CA ILE B 67 -9.90 -25.72 -0.95
C ILE B 67 -9.47 -26.44 -2.21
N THR B 68 -10.33 -27.36 -2.68
CA THR B 68 -10.13 -28.04 -3.95
C THR B 68 -10.79 -27.29 -5.10
N GLU B 69 -10.35 -27.60 -6.32
CA GLU B 69 -11.00 -27.02 -7.49
C GLU B 69 -12.48 -27.36 -7.50
N GLN B 70 -12.81 -28.58 -7.07
N GLN B 70 -12.84 -28.57 -7.06
CA GLN B 70 -14.21 -29.03 -7.01
CA GLN B 70 -14.26 -28.92 -7.12
C GLN B 70 -15.04 -28.08 -6.16
C GLN B 70 -15.08 -28.09 -6.14
N GLN B 71 -14.47 -27.60 -5.06
CA GLN B 71 -15.17 -26.72 -4.12
C GLN B 71 -15.22 -25.26 -4.56
N PHE B 72 -14.67 -24.93 -5.71
CA PHE B 72 -14.44 -23.53 -6.10
C PHE B 72 -15.10 -23.24 -7.44
N PRO B 73 -16.42 -23.40 -7.53
CA PRO B 73 -17.12 -23.00 -8.74
C PRO B 73 -17.18 -21.49 -8.86
N ALA B 74 -17.51 -21.03 -10.07
CA ALA B 74 -17.74 -19.60 -10.29
C ALA B 74 -18.74 -19.06 -9.29
N GLY B 75 -18.51 -17.83 -8.85
CA GLY B 75 -19.36 -17.18 -7.88
C GLY B 75 -18.55 -16.17 -7.10
N VAL B 76 -19.23 -15.48 -6.19
CA VAL B 76 -18.61 -14.49 -5.33
C VAL B 76 -18.18 -15.14 -4.02
N TYR B 77 -16.96 -14.84 -3.61
CA TYR B 77 -16.36 -15.41 -2.42
C TYR B 77 -15.89 -14.30 -1.49
N ARG B 78 -15.83 -14.66 -0.21
CA ARG B 78 -15.43 -13.76 0.85
C ARG B 78 -14.36 -14.49 1.66
N VAL B 79 -13.22 -13.85 1.85
CA VAL B 79 -12.18 -14.37 2.72
C VAL B 79 -12.02 -13.40 3.89
N GLU B 80 -12.20 -13.90 5.11
N GLU B 80 -12.30 -13.89 5.09
CA GLU B 80 -12.19 -13.10 6.32
CA GLU B 80 -12.15 -13.16 6.32
C GLU B 80 -10.93 -13.44 7.12
C GLU B 80 -10.80 -13.51 6.92
N PHE B 81 -10.00 -12.51 7.18
CA PHE B 81 -8.73 -12.67 7.86
C PHE B 81 -8.84 -12.10 9.27
N ASP B 82 -8.51 -12.90 10.30
CA ASP B 82 -8.63 -12.42 11.68
C ASP B 82 -7.34 -11.68 12.07
N THR B 83 -7.23 -10.48 11.51
CA THR B 83 -6.05 -9.67 11.75
C THR B 83 -6.02 -9.09 13.16
N LYS B 84 -7.19 -8.91 13.77
CA LYS B 84 -7.19 -8.33 15.10
C LYS B 84 -6.46 -9.25 16.09
N ALA B 85 -6.70 -10.55 15.99
CA ALA B 85 -6.05 -11.46 16.93
C ALA B 85 -4.56 -11.51 16.63
N TYR B 86 -4.22 -11.47 15.34
CA TYR B 86 -2.80 -11.44 14.96
C TYR B 86 -2.10 -10.29 15.67
N TRP B 87 -2.60 -9.05 15.51
CA TRP B 87 -1.92 -7.90 16.09
C TRP B 87 -1.98 -7.92 17.62
N THR B 88 -3.11 -8.29 18.20
CA THR B 88 -3.18 -8.40 19.66
C THR B 88 -2.10 -9.36 20.19
N ASN B 89 -1.95 -10.51 19.53
CA ASN B 89 -0.94 -11.48 19.94
C ASN B 89 0.46 -10.97 19.68
N GLN B 90 0.66 -10.11 18.69
CA GLN B 90 1.95 -9.49 18.44
C GLN B 90 2.27 -8.40 19.45
N GLY B 91 1.30 -7.98 20.25
CA GLY B 91 1.54 -6.92 21.22
C GLY B 91 1.24 -5.54 20.69
N SER B 92 0.52 -5.42 19.59
CA SER B 92 0.14 -4.13 19.04
C SER B 92 -1.37 -3.98 19.13
N THR B 93 -1.81 -2.75 19.26
CA THR B 93 -3.23 -2.48 19.30
C THR B 93 -3.68 -2.17 17.87
N PRO B 94 -4.54 -2.99 17.25
CA PRO B 94 -4.90 -2.76 15.85
C PRO B 94 -6.15 -1.91 15.69
N PHE B 95 -6.24 -1.31 14.51
CA PHE B 95 -7.40 -0.51 14.16
C PHE B 95 -8.56 -1.38 13.70
N HIS B 96 -8.31 -2.31 12.79
CA HIS B 96 -9.37 -3.05 12.12
C HIS B 96 -9.80 -4.24 12.95
N GLU B 97 -11.12 -4.48 12.93
N GLU B 97 -11.11 -4.49 12.94
CA GLU B 97 -11.70 -5.62 13.61
CA GLU B 97 -11.68 -5.66 13.62
C GLU B 97 -11.42 -6.91 12.86
C GLU B 97 -11.39 -6.93 12.86
N VAL B 98 -11.22 -6.81 11.54
CA VAL B 98 -11.06 -7.93 10.64
C VAL B 98 -10.55 -7.34 9.33
N ALA B 99 -10.06 -8.17 8.41
CA ALA B 99 -9.84 -7.74 7.03
C ALA B 99 -10.57 -8.72 6.14
N GLU B 100 -11.51 -8.19 5.35
CA GLU B 100 -12.32 -9.01 4.45
C GLU B 100 -11.99 -8.65 3.00
N VAL B 101 -11.82 -9.69 2.19
CA VAL B 101 -11.56 -9.56 0.75
C VAL B 101 -12.70 -10.26 0.06
N VAL B 102 -13.41 -9.55 -0.82
CA VAL B 102 -14.61 -10.05 -1.49
C VAL B 102 -14.41 -9.88 -2.99
N PHE B 103 -14.61 -10.97 -3.75
CA PHE B 103 -14.33 -10.97 -5.18
C PHE B 103 -15.17 -12.02 -5.91
N ASP B 104 -15.46 -11.74 -7.18
CA ASP B 104 -16.16 -12.68 -8.06
C ASP B 104 -15.11 -13.57 -8.72
N ALA B 105 -15.26 -14.88 -8.58
CA ALA B 105 -14.31 -15.84 -9.11
C ALA B 105 -14.82 -16.45 -10.41
N HIS B 106 -13.91 -16.65 -11.36
CA HIS B 106 -14.20 -17.19 -12.68
C HIS B 106 -13.17 -18.28 -12.95
N PRO B 107 -13.28 -19.42 -12.28
CA PRO B 107 -12.17 -20.39 -12.25
C PRO B 107 -11.98 -21.18 -13.53
N GLU B 108 -12.86 -20.97 -14.51
CA GLU B 108 -12.81 -21.70 -15.77
C GLU B 108 -11.39 -21.73 -16.33
N GLY B 109 -10.95 -22.92 -16.73
CA GLY B 109 -9.65 -23.05 -17.36
C GLY B 109 -8.48 -23.17 -16.42
N HIS B 110 -8.72 -23.53 -15.16
CA HIS B 110 -7.66 -23.64 -14.17
C HIS B 110 -7.03 -22.27 -13.88
N ARG B 111 -7.86 -21.23 -13.95
CA ARG B 111 -7.49 -19.90 -13.48
C ARG B 111 -7.48 -19.90 -11.95
N HIS B 112 -6.34 -19.57 -11.38
CA HIS B 112 -6.09 -19.60 -9.94
C HIS B 112 -5.92 -18.18 -9.40
N TYR B 113 -6.22 -18.04 -8.11
CA TYR B 113 -6.30 -16.77 -7.41
C TYR B 113 -5.34 -16.79 -6.23
N THR B 114 -4.54 -15.74 -6.11
CA THR B 114 -3.73 -15.53 -4.93
C THR B 114 -4.10 -14.19 -4.34
N LEU B 115 -4.54 -14.20 -3.08
CA LEU B 115 -4.82 -12.98 -2.34
C LEU B 115 -3.61 -12.61 -1.50
N ALA B 116 -3.03 -11.46 -1.79
CA ALA B 116 -1.86 -10.97 -1.09
C ALA B 116 -2.32 -9.89 -0.11
N LEU B 117 -1.82 -9.96 1.11
CA LEU B 117 -2.21 -9.05 2.17
C LEU B 117 -0.97 -8.61 2.94
N LEU B 118 -0.78 -7.30 3.05
CA LEU B 118 0.37 -6.67 3.74
C LEU B 118 -0.18 -5.92 4.95
N LEU B 119 0.16 -6.38 6.15
CA LEU B 119 -0.46 -5.91 7.38
C LEU B 119 0.40 -4.97 8.18
N SER B 120 -0.21 -3.89 8.66
CA SER B 120 0.29 -3.02 9.70
C SER B 120 -0.83 -2.80 10.72
N PRO B 121 -0.51 -2.33 11.92
CA PRO B 121 -1.57 -2.22 12.94
C PRO B 121 -2.70 -1.30 12.54
N PHE B 122 -2.45 -0.19 11.82
CA PHE B 122 -3.53 0.69 11.41
C PHE B 122 -3.76 0.72 9.91
N SER B 123 -3.23 -0.25 9.16
N SER B 123 -3.22 -0.23 9.16
CA SER B 123 -3.31 -0.22 7.70
CA SER B 123 -3.41 -0.24 7.70
C SER B 123 -3.16 -1.63 7.14
C SER B 123 -3.24 -1.64 7.16
N TYR B 124 -3.81 -1.89 5.99
CA TYR B 124 -3.42 -3.04 5.19
C TYR B 124 -3.57 -2.70 3.73
N THR B 125 -2.73 -3.36 2.93
CA THR B 125 -2.77 -3.37 1.48
C THR B 125 -3.14 -4.75 1.01
N THR B 126 -4.11 -4.84 0.12
CA THR B 126 -4.43 -6.12 -0.44
C THR B 126 -4.45 -6.02 -1.97
N THR B 127 -3.98 -7.09 -2.58
CA THR B 127 -3.95 -7.18 -4.03
C THR B 127 -4.25 -8.62 -4.39
N ALA B 128 -4.43 -8.85 -5.67
CA ALA B 128 -4.69 -10.18 -6.18
C ALA B 128 -3.82 -10.45 -7.39
N VAL B 129 -3.39 -11.71 -7.49
CA VAL B 129 -2.73 -12.22 -8.67
C VAL B 129 -3.62 -13.32 -9.22
N VAL B 130 -3.99 -13.19 -10.49
CA VAL B 130 -4.93 -14.10 -11.15
C VAL B 130 -4.18 -14.67 -12.34
N SER B 131 -4.05 -15.99 -12.37
CA SER B 131 -3.22 -16.64 -13.36
C SER B 131 -3.98 -16.78 -14.68
N SER B 132 -3.23 -17.07 -15.74
CA SER B 132 -3.90 -17.31 -17.02
C SER B 132 -4.42 -18.74 -17.09
N VAL B 133 -5.38 -18.94 -17.97
CA VAL B 133 -5.89 -20.28 -18.27
C VAL B 133 -4.77 -21.15 -18.80
N CYS C 18 1.25 26.73 -2.73
N CYS C 18 1.44 27.02 -3.08
CA CYS C 18 2.38 25.83 -2.62
CA CYS C 18 2.37 25.96 -2.70
C CYS C 18 2.34 24.82 -3.75
C CYS C 18 2.34 24.84 -3.75
N PRO C 19 3.36 24.80 -4.61
CA PRO C 19 3.33 23.85 -5.73
C PRO C 19 3.71 22.41 -5.38
N LEU C 20 4.41 22.18 -4.27
CA LEU C 20 4.86 20.85 -3.87
C LEU C 20 4.49 20.65 -2.40
N MET C 21 3.52 19.78 -2.15
CA MET C 21 3.06 19.46 -0.80
C MET C 21 3.36 18.00 -0.50
N VAL C 22 3.49 17.71 0.79
CA VAL C 22 3.65 16.33 1.26
C VAL C 22 2.60 16.05 2.31
N LYS C 23 2.22 14.77 2.41
CA LYS C 23 1.36 14.30 3.49
C LYS C 23 1.89 12.94 3.94
N ILE C 24 2.39 12.85 5.16
CA ILE C 24 2.99 11.61 5.67
C ILE C 24 2.15 11.08 6.82
N LEU C 25 1.76 9.80 6.72
CA LEU C 25 1.00 9.09 7.74
C LEU C 25 1.79 7.91 8.27
N ASP C 26 1.50 7.58 9.54
CA ASP C 26 2.14 6.54 10.30
C ASP C 26 1.15 5.40 10.44
N ALA C 27 1.43 4.28 9.77
CA ALA C 27 0.52 3.13 9.74
C ALA C 27 0.61 2.26 10.98
N VAL C 28 1.52 2.53 11.90
CA VAL C 28 1.56 1.81 13.16
C VAL C 28 0.64 2.45 14.19
N LYS C 29 0.70 3.77 14.33
CA LYS C 29 -0.07 4.53 15.31
C LYS C 29 -1.38 5.09 14.79
N GLY C 30 -1.58 5.17 13.49
CA GLY C 30 -2.76 5.84 12.98
C GLY C 30 -2.80 7.33 13.23
N THR C 31 -1.69 8.00 12.97
CA THR C 31 -1.58 9.44 13.15
C THR C 31 -0.77 9.94 11.98
N PRO C 32 -0.80 11.24 11.70
CA PRO C 32 0.22 11.78 10.81
C PRO C 32 1.59 11.56 11.42
N ALA C 33 2.58 11.49 10.54
CA ALA C 33 3.98 11.32 10.93
C ALA C 33 4.60 12.71 11.11
N GLY C 34 4.79 13.12 12.37
CA GLY C 34 5.38 14.41 12.68
C GLY C 34 6.89 14.37 12.73
N SER C 35 7.49 15.53 12.41
CA SER C 35 8.91 15.77 12.54
C SER C 35 9.75 14.84 11.65
N VAL C 36 9.25 14.52 10.46
CA VAL C 36 10.00 13.75 9.46
C VAL C 36 10.80 14.75 8.66
N ALA C 37 12.12 14.58 8.66
CA ALA C 37 12.98 15.44 7.86
C ALA C 37 12.99 14.98 6.40
N LEU C 38 13.08 15.95 5.50
CA LEU C 38 13.25 15.63 4.09
C LEU C 38 14.10 16.68 3.38
N LYS C 39 14.58 16.29 2.20
CA LYS C 39 15.39 17.12 1.31
C LYS C 39 14.82 17.05 -0.09
N VAL C 40 14.73 18.20 -0.75
CA VAL C 40 14.25 18.28 -2.14
C VAL C 40 15.45 18.64 -3.02
N SER C 41 15.63 17.88 -4.11
CA SER C 41 16.71 18.10 -5.07
C SER C 41 16.17 18.12 -6.50
N GLN C 42 16.85 18.88 -7.35
CA GLN C 42 16.55 18.91 -8.78
C GLN C 42 17.68 18.23 -9.54
N LYS C 43 17.30 17.39 -10.50
CA LYS C 43 18.28 16.74 -11.34
C LYS C 43 18.94 17.74 -12.30
N THR C 44 20.25 17.64 -12.42
CA THR C 44 21.00 18.53 -13.31
C THR C 44 21.27 17.85 -14.65
N ALA C 45 21.58 18.67 -15.65
CA ALA C 45 21.78 18.16 -17.01
C ALA C 45 22.87 17.08 -17.05
N ASP C 46 23.85 17.13 -16.17
CA ASP C 46 24.93 16.16 -16.17
C ASP C 46 24.60 14.90 -15.38
N GLY C 47 23.35 14.75 -14.94
CA GLY C 47 22.96 13.61 -14.16
C GLY C 47 23.11 13.76 -12.66
N GLY C 48 23.63 14.89 -12.19
CA GLY C 48 23.76 15.12 -10.77
C GLY C 48 22.45 15.53 -10.13
N TRP C 49 22.51 15.78 -8.83
CA TRP C 49 21.43 16.36 -8.06
C TRP C 49 21.90 17.63 -7.39
N THR C 50 21.06 18.67 -7.44
CA THR C 50 21.28 19.91 -6.70
C THR C 50 20.20 20.03 -5.62
N GLN C 51 20.62 20.17 -4.38
CA GLN C 51 19.67 20.37 -3.29
C GLN C 51 19.07 21.77 -3.36
N ILE C 52 17.74 21.85 -3.31
CA ILE C 52 17.09 23.14 -3.34
C ILE C 52 16.35 23.48 -2.04
N ALA C 53 16.04 22.50 -1.19
CA ALA C 53 15.35 22.81 0.07
C ALA C 53 15.41 21.64 1.04
N THR C 54 15.29 21.97 2.31
CA THR C 54 15.06 20.99 3.35
C THR C 54 13.78 21.40 4.09
N GLY C 55 13.23 20.47 4.84
CA GLY C 55 12.06 20.79 5.63
C GLY C 55 11.78 19.65 6.59
N VAL C 56 10.85 19.90 7.50
CA VAL C 56 10.50 18.93 8.54
C VAL C 56 8.99 18.97 8.69
N THR C 57 8.32 17.81 8.69
CA THR C 57 6.87 17.86 8.76
C THR C 57 6.41 18.32 10.13
N ASP C 58 5.25 18.99 10.11
CA ASP C 58 4.56 19.41 11.32
C ASP C 58 3.74 18.23 11.86
N ALA C 59 2.96 18.47 12.90
CA ALA C 59 2.24 17.38 13.54
C ALA C 59 1.09 16.86 12.69
N THR C 60 0.75 17.55 11.60
CA THR C 60 -0.23 17.06 10.62
C THR C 60 0.43 16.27 9.49
N GLY C 61 1.74 16.01 9.58
CA GLY C 61 2.44 15.30 8.54
C GLY C 61 2.63 16.08 7.26
N GLU C 62 2.59 17.41 7.33
CA GLU C 62 2.70 18.29 6.18
C GLU C 62 3.85 19.28 6.35
N ILE C 63 4.28 19.90 5.25
CA ILE C 63 5.26 20.99 5.28
C ILE C 63 4.70 22.14 4.47
N HIS C 64 4.39 23.23 5.13
CA HIS C 64 3.85 24.38 4.42
C HIS C 64 5.01 25.17 3.80
N ASN C 65 4.83 25.56 2.55
CA ASN C 65 5.82 26.38 1.83
C ASN C 65 7.17 25.67 1.73
N LEU C 66 7.14 24.41 1.33
CA LEU C 66 8.37 23.62 1.19
C LEU C 66 9.30 24.22 0.14
N ILE C 67 8.76 24.54 -1.04
CA ILE C 67 9.48 25.29 -2.07
C ILE C 67 8.54 26.35 -2.62
N THR C 68 9.11 27.31 -3.33
CA THR C 68 8.34 28.32 -4.03
C THR C 68 8.28 27.99 -5.53
N GLU C 69 7.36 28.68 -6.23
CA GLU C 69 7.27 28.58 -7.68
C GLU C 69 8.58 28.90 -8.35
N GLN C 70 9.32 29.89 -7.81
CA GLN C 70 10.62 30.27 -8.36
C GLN C 70 11.63 29.13 -8.34
N GLN C 71 11.46 28.17 -7.44
CA GLN C 71 12.36 27.05 -7.30
C GLN C 71 11.92 25.82 -8.10
N PHE C 72 10.86 25.91 -8.91
CA PHE C 72 10.21 24.72 -9.46
C PHE C 72 10.03 24.75 -10.98
N PRO C 73 11.09 25.03 -11.74
CA PRO C 73 11.01 24.85 -13.19
C PRO C 73 10.77 23.39 -13.57
N ALA C 74 10.25 23.20 -14.78
CA ALA C 74 10.09 21.85 -15.29
C ALA C 74 11.40 21.08 -15.23
N GLY C 75 11.31 19.82 -14.80
CA GLY C 75 12.47 18.95 -14.72
C GLY C 75 12.20 17.83 -13.72
N VAL C 76 13.23 17.05 -13.45
CA VAL C 76 13.11 15.88 -12.59
C VAL C 76 13.54 16.27 -11.17
N TYR C 77 12.73 15.87 -10.20
CA TYR C 77 12.95 16.22 -8.79
C TYR C 77 12.96 14.96 -7.94
N ARG C 78 13.71 15.03 -6.86
N ARG C 78 13.69 15.02 -6.84
CA ARG C 78 13.78 13.98 -5.85
CA ARG C 78 13.78 13.94 -5.86
C ARG C 78 13.38 14.59 -4.51
C ARG C 78 13.48 14.50 -4.48
N VAL C 79 12.53 13.88 -3.79
CA VAL C 79 12.25 14.18 -2.39
C VAL C 79 12.73 12.98 -1.60
N GLU C 80 13.70 13.22 -0.73
CA GLU C 80 14.29 12.19 0.10
C GLU C 80 13.79 12.36 1.53
N PHE C 81 13.05 11.37 2.02
CA PHE C 81 12.42 11.40 3.33
C PHE C 81 13.28 10.57 4.29
N ASP C 82 13.66 11.14 5.44
CA ASP C 82 14.51 10.44 6.39
C ASP C 82 13.65 9.60 7.32
N THR C 83 13.15 8.49 6.75
CA THR C 83 12.28 7.59 7.49
C THR C 83 13.04 6.81 8.56
N LYS C 84 14.32 6.51 8.34
CA LYS C 84 15.04 5.74 9.34
C LYS C 84 15.11 6.51 10.66
N ALA C 85 15.39 7.82 10.60
CA ALA C 85 15.43 8.61 11.83
C ALA C 85 14.07 8.67 12.49
N TYR C 86 13.01 8.74 11.69
CA TYR C 86 11.66 8.74 12.24
C TYR C 86 11.39 7.50 13.08
N TRP C 87 11.67 6.31 12.52
CA TRP C 87 11.41 5.06 13.23
C TRP C 87 12.35 4.90 14.42
N THR C 88 13.62 5.23 14.24
CA THR C 88 14.55 5.17 15.38
C THR C 88 14.01 5.96 16.56
N ASN C 89 13.49 7.15 16.30
CA ASN C 89 12.96 7.97 17.39
C ASN C 89 11.65 7.41 17.92
N GLN C 90 10.83 6.79 17.06
CA GLN C 90 9.64 6.11 17.54
C GLN C 90 9.98 4.86 18.34
N GLY C 91 11.22 4.42 18.32
CA GLY C 91 11.63 3.22 19.04
C GLY C 91 11.46 1.93 18.28
N SER C 92 11.28 1.96 16.96
CA SER C 92 11.16 0.76 16.16
C SER C 92 12.45 0.53 15.39
N THR C 93 12.55 -0.67 14.84
CA THR C 93 13.70 -1.02 14.02
C THR C 93 13.24 -0.89 12.57
N PRO C 94 13.80 0.04 11.79
CA PRO C 94 13.33 0.16 10.40
C PRO C 94 14.18 -0.61 9.39
N PHE C 95 13.60 -0.91 8.24
CA PHE C 95 14.33 -1.54 7.16
C PHE C 95 15.04 -0.52 6.26
N HIS C 96 14.33 0.50 5.77
CA HIS C 96 14.85 1.39 4.76
C HIS C 96 15.74 2.47 5.36
N GLU C 97 16.79 2.84 4.60
CA GLU C 97 17.59 4.00 5.00
C GLU C 97 16.81 5.29 4.84
N VAL C 98 16.10 5.43 3.73
CA VAL C 98 15.34 6.61 3.37
C VAL C 98 14.19 6.10 2.53
N ALA C 99 13.23 6.98 2.27
CA ALA C 99 12.26 6.79 1.19
C ALA C 99 12.47 7.90 0.18
N GLU C 100 12.69 7.54 -1.08
CA GLU C 100 12.91 8.53 -2.12
C GLU C 100 11.75 8.50 -3.09
N VAL C 101 11.30 9.69 -3.46
CA VAL C 101 10.27 9.85 -4.47
C VAL C 101 10.86 10.70 -5.59
N VAL C 102 10.89 10.15 -6.79
CA VAL C 102 11.55 10.78 -7.92
C VAL C 102 10.54 10.93 -9.05
N PHE C 103 10.34 12.14 -9.55
CA PHE C 103 9.32 12.37 -10.58
C PHE C 103 9.69 13.54 -11.50
N ASP C 104 9.19 13.48 -12.73
CA ASP C 104 9.31 14.57 -13.71
C ASP C 104 8.20 15.57 -13.45
N ALA C 105 8.55 16.81 -13.15
CA ALA C 105 7.58 17.86 -12.84
C ALA C 105 7.27 18.68 -14.08
N HIS C 106 6.00 18.96 -14.27
CA HIS C 106 5.49 19.84 -15.32
C HIS C 106 5.84 19.31 -16.72
N PRO C 107 5.77 18.00 -16.95
CA PRO C 107 6.21 17.47 -18.26
C PRO C 107 5.38 17.99 -19.42
N GLU C 108 4.09 18.24 -19.20
CA GLU C 108 3.16 18.70 -20.22
C GLU C 108 2.59 20.07 -19.86
N GLY C 109 3.33 20.86 -19.10
CA GLY C 109 2.82 22.09 -18.53
C GLY C 109 2.81 22.10 -17.00
N HIS C 110 2.67 23.28 -16.43
CA HIS C 110 2.76 23.45 -14.98
C HIS C 110 1.64 22.71 -14.24
N ARG C 111 2.00 22.05 -13.15
CA ARG C 111 1.04 21.36 -12.28
C ARG C 111 1.41 21.61 -10.82
N HIS C 112 0.47 21.32 -9.94
CA HIS C 112 0.72 21.25 -8.51
C HIS C 112 0.69 19.79 -8.05
N TYR C 113 1.55 19.48 -7.09
CA TYR C 113 1.87 18.10 -6.71
C TYR C 113 1.70 17.92 -5.20
N THR C 114 1.04 16.83 -4.80
CA THR C 114 1.01 16.39 -3.41
C THR C 114 1.56 14.98 -3.37
N LEU C 115 2.61 14.77 -2.58
CA LEU C 115 3.24 13.46 -2.42
C LEU C 115 2.73 12.88 -1.11
N ALA C 116 1.96 11.80 -1.21
CA ALA C 116 1.46 11.11 -0.04
C ALA C 116 2.37 9.93 0.26
N LEU C 117 2.63 9.71 1.54
CA LEU C 117 3.55 8.69 1.98
C LEU C 117 2.99 8.03 3.23
N LEU C 118 2.83 6.71 3.20
CA LEU C 118 2.31 5.92 4.31
C LEU C 118 3.42 5.01 4.84
N LEU C 119 3.81 5.21 6.10
CA LEU C 119 5.00 4.59 6.67
C LEU C 119 4.69 3.44 7.63
N SER C 120 5.41 2.34 7.45
CA SER C 120 5.55 1.26 8.41
C SER C 120 7.03 0.96 8.58
N PRO C 121 7.42 0.24 9.63
CA PRO C 121 8.86 0.03 9.82
C PRO C 121 9.54 -0.70 8.67
N PHE C 122 8.87 -1.67 8.03
CA PHE C 122 9.46 -2.40 6.92
C PHE C 122 8.78 -2.15 5.58
N SER C 123 7.98 -1.10 5.46
N SER C 123 7.97 -1.10 5.47
CA SER C 123 7.23 -0.89 4.23
CA SER C 123 7.22 -0.88 4.23
C SER C 123 6.82 0.57 4.10
C SER C 123 6.87 0.59 4.10
N TYR C 124 6.69 1.04 2.86
CA TYR C 124 5.98 2.27 2.65
C TYR C 124 5.19 2.24 1.34
N THR C 125 4.14 3.04 1.32
CA THR C 125 3.33 3.27 0.11
C THR C 125 3.45 4.74 -0.24
N THR C 126 3.73 5.05 -1.49
N THR C 126 3.80 5.03 -1.49
CA THR C 126 3.77 6.45 -1.88
CA THR C 126 3.86 6.39 -2.00
C THR C 126 2.96 6.69 -3.14
C THR C 126 2.85 6.52 -3.13
N THR C 127 2.14 7.72 -3.07
N THR C 127 2.14 7.64 -3.16
CA THR C 127 1.20 8.10 -4.11
CA THR C 127 1.35 8.01 -4.32
C THR C 127 1.41 9.57 -4.44
C THR C 127 1.40 9.53 -4.46
N ALA C 128 0.84 10.01 -5.57
CA ALA C 128 0.86 11.41 -5.91
C ALA C 128 -0.53 11.82 -6.38
N VAL C 129 -0.91 13.02 -5.97
CA VAL C 129 -2.08 13.71 -6.48
C VAL C 129 -1.57 14.92 -7.25
N VAL C 130 -1.93 14.97 -8.53
CA VAL C 130 -1.45 15.99 -9.45
C VAL C 130 -2.68 16.75 -9.92
N SER C 131 -2.64 18.07 -9.82
CA SER C 131 -3.76 18.89 -10.29
C SER C 131 -3.28 20.00 -11.21
N SER C 132 -4.22 20.49 -12.02
CA SER C 132 -3.97 21.64 -12.88
C SER C 132 -4.22 22.91 -12.09
N CYS D 18 21.10 -17.18 -3.43
CA CYS D 18 20.26 -16.07 -3.85
C CYS D 18 19.92 -15.18 -2.64
N PRO D 19 20.89 -14.36 -2.22
CA PRO D 19 20.66 -13.53 -1.04
C PRO D 19 19.77 -12.32 -1.28
N LEU D 20 19.54 -11.93 -2.53
CA LEU D 20 18.80 -10.72 -2.85
C LEU D 20 17.80 -11.09 -3.93
N MET D 21 16.52 -11.06 -3.56
CA MET D 21 15.44 -11.45 -4.44
C MET D 21 14.47 -10.28 -4.54
N VAL D 22 13.69 -10.28 -5.61
CA VAL D 22 12.65 -9.28 -5.82
C VAL D 22 11.35 -10.00 -6.19
N LYS D 23 10.23 -9.34 -5.91
CA LYS D 23 8.93 -9.80 -6.36
C LYS D 23 8.11 -8.56 -6.73
N ILE D 24 7.78 -8.40 -8.01
CA ILE D 24 7.09 -7.21 -8.47
C ILE D 24 5.73 -7.63 -9.01
N LEU D 25 4.68 -6.96 -8.53
CA LEU D 25 3.31 -7.17 -8.97
C LEU D 25 2.73 -5.90 -9.58
N ASP D 26 1.79 -6.12 -10.50
CA ASP D 26 1.07 -5.09 -11.23
C ASP D 26 -0.34 -5.01 -10.64
N ALA D 27 -0.64 -3.86 -10.02
CA ALA D 27 -1.92 -3.64 -9.32
C ALA D 27 -3.06 -3.25 -10.26
N VAL D 28 -2.77 -2.98 -11.53
CA VAL D 28 -3.80 -2.70 -12.53
C VAL D 28 -4.33 -3.98 -13.15
N LYS D 29 -3.44 -4.89 -13.54
CA LYS D 29 -3.84 -6.10 -14.24
C LYS D 29 -3.92 -7.35 -13.35
N GLY D 30 -3.36 -7.32 -12.16
CA GLY D 30 -3.39 -8.51 -11.32
C GLY D 30 -2.49 -9.62 -11.77
N THR D 31 -1.29 -9.28 -12.21
CA THR D 31 -0.27 -10.21 -12.66
C THR D 31 1.05 -9.77 -12.08
N PRO D 32 2.05 -10.66 -12.06
CA PRO D 32 3.42 -10.20 -11.87
C PRO D 32 3.79 -9.19 -12.95
N ALA D 33 4.74 -8.34 -12.61
CA ALA D 33 5.28 -7.32 -13.52
C ALA D 33 6.54 -7.90 -14.16
N GLY D 34 6.39 -8.39 -15.38
CA GLY D 34 7.52 -8.95 -16.09
C GLY D 34 8.28 -7.87 -16.87
N SER D 35 9.55 -8.17 -17.12
CA SER D 35 10.42 -7.32 -17.94
C SER D 35 10.67 -5.95 -17.32
N VAL D 36 10.76 -5.89 -15.99
CA VAL D 36 11.14 -4.66 -15.31
C VAL D 36 12.66 -4.69 -15.16
N ALA D 37 13.31 -3.67 -15.69
CA ALA D 37 14.75 -3.56 -15.55
C ALA D 37 15.11 -2.99 -14.19
N LEU D 38 16.19 -3.50 -13.61
CA LEU D 38 16.63 -2.95 -12.34
C LEU D 38 18.15 -2.97 -12.27
N LYS D 39 18.65 -2.15 -11.37
CA LYS D 39 20.09 -1.98 -11.13
C LYS D 39 20.34 -2.04 -9.63
N VAL D 40 21.41 -2.73 -9.24
CA VAL D 40 21.83 -2.84 -7.84
C VAL D 40 23.14 -2.09 -7.67
N SER D 41 23.20 -1.22 -6.65
CA SER D 41 24.36 -0.38 -6.37
C SER D 41 24.72 -0.52 -4.91
N GLN D 42 26.02 -0.39 -4.63
CA GLN D 42 26.58 -0.51 -3.29
C GLN D 42 27.16 0.84 -2.89
N LYS D 43 26.87 1.28 -1.67
CA LYS D 43 27.37 2.58 -1.23
C LYS D 43 28.85 2.48 -0.91
N THR D 44 29.60 3.48 -1.33
CA THR D 44 31.05 3.48 -1.15
C THR D 44 31.42 4.38 0.03
N ALA D 45 32.63 4.14 0.56
CA ALA D 45 33.10 4.87 1.73
C ALA D 45 32.95 6.38 1.54
N ASP D 46 33.24 6.86 0.34
CA ASP D 46 33.20 8.29 0.05
C ASP D 46 31.78 8.82 -0.18
N GLY D 47 30.75 8.04 0.14
CA GLY D 47 29.38 8.49 0.00
C GLY D 47 28.77 8.25 -1.37
N GLY D 48 29.53 7.73 -2.33
CA GLY D 48 29.01 7.46 -3.65
C GLY D 48 28.39 6.07 -3.75
N TRP D 49 28.06 5.70 -5.00
CA TRP D 49 27.41 4.43 -5.32
C TRP D 49 28.19 3.72 -6.43
N THR D 50 28.43 2.42 -6.27
CA THR D 50 29.01 1.59 -7.32
C THR D 50 27.99 0.55 -7.77
N GLN D 51 27.69 0.57 -9.07
CA GLN D 51 26.77 -0.40 -9.63
C GLN D 51 27.44 -1.76 -9.63
N ILE D 52 26.78 -2.76 -9.05
CA ILE D 52 27.34 -4.11 -9.01
C ILE D 52 26.56 -5.12 -9.81
N ALA D 53 25.31 -4.85 -10.18
CA ALA D 53 24.53 -5.82 -10.93
C ALA D 53 23.38 -5.09 -11.62
N THR D 54 22.95 -5.66 -12.74
CA THR D 54 21.71 -5.24 -13.38
C THR D 54 20.95 -6.50 -13.73
N GLY D 55 19.63 -6.36 -13.92
CA GLY D 55 18.82 -7.52 -14.22
C GLY D 55 17.48 -7.06 -14.74
N VAL D 56 16.68 -8.03 -15.15
CA VAL D 56 15.33 -7.80 -15.66
C VAL D 56 14.41 -8.86 -15.09
N THR D 57 13.24 -8.47 -14.58
CA THR D 57 12.35 -9.49 -14.06
C THR D 57 11.82 -10.40 -15.18
N ASP D 58 11.63 -11.66 -14.83
CA ASP D 58 10.98 -12.63 -15.70
C ASP D 58 9.47 -12.48 -15.57
N ALA D 59 8.72 -13.36 -16.24
CA ALA D 59 7.25 -13.31 -16.26
C ALA D 59 6.61 -13.54 -14.90
N THR D 60 7.36 -14.07 -13.94
CA THR D 60 6.85 -14.22 -12.56
C THR D 60 7.15 -13.01 -11.68
N GLY D 61 7.73 -11.95 -12.23
CA GLY D 61 8.06 -10.79 -11.42
C GLY D 61 9.30 -10.93 -10.58
N GLU D 62 10.17 -11.88 -10.92
CA GLU D 62 11.32 -12.23 -10.10
C GLU D 62 12.60 -12.20 -10.92
N ILE D 63 13.73 -12.20 -10.23
CA ILE D 63 15.03 -12.28 -10.88
C ILE D 63 15.87 -13.34 -10.17
N HIS D 64 16.34 -14.30 -10.93
CA HIS D 64 17.17 -15.34 -10.36
C HIS D 64 18.63 -15.05 -10.68
N ASN D 65 19.49 -15.44 -9.74
CA ASN D 65 20.94 -15.28 -9.88
C ASN D 65 21.30 -13.83 -10.17
N LEU D 66 20.69 -12.91 -9.43
CA LEU D 66 21.01 -11.50 -9.57
C LEU D 66 22.40 -11.20 -9.05
N ILE D 67 22.71 -11.70 -7.84
CA ILE D 67 24.03 -11.57 -7.23
C ILE D 67 24.27 -12.78 -6.35
N THR D 68 25.55 -13.07 -6.10
CA THR D 68 25.93 -14.14 -5.18
C THR D 68 26.14 -13.61 -3.76
N GLU D 69 26.12 -14.53 -2.80
CA GLU D 69 26.43 -14.14 -1.42
C GLU D 69 27.80 -13.52 -1.35
N GLN D 70 28.74 -14.04 -2.14
CA GLN D 70 30.09 -13.48 -2.18
C GLN D 70 30.07 -12.00 -2.59
N GLN D 71 29.15 -11.63 -3.49
CA GLN D 71 29.07 -10.25 -3.95
C GLN D 71 28.26 -9.34 -3.02
N PHE D 72 27.73 -9.87 -1.93
CA PHE D 72 26.73 -9.17 -1.12
C PHE D 72 27.25 -9.04 0.30
N PRO D 73 28.36 -8.32 0.50
CA PRO D 73 28.82 -8.08 1.87
C PRO D 73 27.95 -7.06 2.57
N ALA D 74 28.02 -7.07 3.89
CA ALA D 74 27.33 -6.07 4.68
C ALA D 74 27.61 -4.66 4.14
N GLY D 75 26.57 -3.85 4.17
CA GLY D 75 26.67 -2.45 3.77
C GLY D 75 25.33 -1.96 3.27
N VAL D 76 25.34 -0.71 2.80
CA VAL D 76 24.14 -0.07 2.26
C VAL D 76 24.04 -0.35 0.75
N TYR D 77 22.84 -0.70 0.31
CA TYR D 77 22.58 -1.03 -1.08
C TYR D 77 21.38 -0.25 -1.57
N ARG D 78 21.35 -0.02 -2.88
N ARG D 78 21.41 0.05 -2.86
CA ARG D 78 20.27 0.70 -3.55
CA ARG D 78 20.31 0.65 -3.58
C ARG D 78 19.83 -0.09 -4.76
C ARG D 78 19.86 -0.32 -4.66
N VAL D 79 18.56 -0.47 -4.81
CA VAL D 79 18.00 -1.19 -5.93
C VAL D 79 17.07 -0.22 -6.64
N GLU D 80 17.35 0.02 -7.91
CA GLU D 80 16.66 1.01 -8.71
C GLU D 80 15.82 0.27 -9.73
N PHE D 81 14.51 0.42 -9.64
CA PHE D 81 13.56 -0.23 -10.52
C PHE D 81 13.05 0.75 -11.58
N ASP D 82 13.16 0.37 -12.85
CA ASP D 82 12.72 1.26 -13.94
C ASP D 82 11.22 1.08 -14.17
N THR D 83 10.45 1.66 -13.24
CA THR D 83 9.00 1.55 -13.31
C THR D 83 8.42 2.41 -14.42
N LYS D 84 9.10 3.51 -14.79
CA LYS D 84 8.55 4.39 -15.81
C LYS D 84 8.44 3.67 -17.15
N ALA D 85 9.50 2.97 -17.56
CA ALA D 85 9.47 2.22 -18.80
C ALA D 85 8.46 1.07 -18.74
N TYR D 86 8.30 0.46 -17.57
CA TYR D 86 7.27 -0.56 -17.42
C TYR D 86 5.90 -0.03 -17.82
N TRP D 87 5.54 1.16 -17.31
CA TRP D 87 4.22 1.70 -17.61
C TRP D 87 4.17 2.25 -19.02
N THR D 88 5.22 2.94 -19.45
CA THR D 88 5.19 3.54 -20.77
C THR D 88 5.03 2.48 -21.84
N ASN D 89 5.77 1.37 -21.72
CA ASN D 89 5.70 0.31 -22.71
C ASN D 89 4.33 -0.38 -22.68
N GLN D 90 3.58 -0.28 -21.56
CA GLN D 90 2.20 -0.74 -21.44
C GLN D 90 1.19 0.20 -22.11
N GLY D 91 1.62 1.38 -22.57
CA GLY D 91 0.65 2.38 -22.99
C GLY D 91 0.05 3.21 -21.88
N SER D 92 0.56 3.08 -20.66
CA SER D 92 0.05 3.83 -19.53
C SER D 92 0.93 5.06 -19.30
N THR D 93 0.42 5.96 -18.48
CA THR D 93 1.11 7.20 -18.19
C THR D 93 1.52 7.21 -16.71
N PRO D 94 2.81 7.06 -16.37
CA PRO D 94 3.15 6.95 -14.95
C PRO D 94 3.58 8.26 -14.34
N PHE D 95 3.62 8.29 -13.02
CA PHE D 95 4.12 9.44 -12.29
C PHE D 95 5.61 9.36 -11.99
N HIS D 96 6.07 8.24 -11.44
CA HIS D 96 7.43 8.17 -10.93
C HIS D 96 8.43 7.99 -12.06
N GLU D 97 9.59 8.62 -11.91
N GLU D 97 9.59 8.64 -11.94
CA GLU D 97 10.68 8.41 -12.84
CA GLU D 97 10.69 8.35 -12.86
C GLU D 97 11.38 7.07 -12.60
C GLU D 97 11.23 6.95 -12.64
N VAL D 98 11.31 6.56 -11.37
CA VAL D 98 11.98 5.34 -10.98
C VAL D 98 11.44 5.02 -9.60
N ALA D 99 11.66 3.79 -9.14
CA ALA D 99 11.38 3.42 -7.76
C ALA D 99 12.68 2.90 -7.17
N GLU D 100 13.14 3.54 -6.10
CA GLU D 100 14.40 3.17 -5.46
C GLU D 100 14.16 2.63 -4.06
N VAL D 101 14.87 1.58 -3.75
CA VAL D 101 14.82 0.94 -2.45
C VAL D 101 16.24 0.92 -1.89
N VAL D 102 16.43 1.56 -0.75
CA VAL D 102 17.74 1.76 -0.15
C VAL D 102 17.71 1.20 1.27
N PHE D 103 18.66 0.32 1.59
CA PHE D 103 18.63 -0.38 2.87
C PHE D 103 20.05 -0.83 3.23
N ASP D 104 20.27 -0.92 4.53
CA ASP D 104 21.50 -1.46 5.09
C ASP D 104 21.35 -2.98 5.22
N ALA D 105 22.22 -3.73 4.55
CA ALA D 105 22.15 -5.18 4.57
C ALA D 105 23.12 -5.76 5.60
N HIS D 106 22.69 -6.83 6.27
CA HIS D 106 23.50 -7.56 7.23
C HIS D 106 23.37 -9.04 6.90
N PRO D 107 24.04 -9.50 5.84
CA PRO D 107 23.77 -10.85 5.32
C PRO D 107 24.38 -11.99 6.15
N GLU D 108 24.99 -11.70 7.28
CA GLU D 108 25.65 -12.76 8.04
C GLU D 108 24.66 -13.85 8.41
N GLY D 109 25.09 -15.10 8.27
CA GLY D 109 24.25 -16.22 8.62
C GLY D 109 23.31 -16.66 7.52
N HIS D 110 23.63 -16.36 6.26
CA HIS D 110 22.75 -16.69 5.14
C HIS D 110 21.41 -15.98 5.29
N ARG D 111 21.46 -14.73 5.74
CA ARG D 111 20.27 -13.88 5.86
C ARG D 111 19.94 -13.33 4.48
N HIS D 112 18.75 -13.62 4.01
CA HIS D 112 18.31 -13.28 2.66
C HIS D 112 17.27 -12.16 2.70
N TYR D 113 17.23 -11.41 1.61
CA TYR D 113 16.38 -10.23 1.48
C TYR D 113 15.51 -10.40 0.26
N THR D 114 14.20 -10.17 0.42
CA THR D 114 13.26 -10.12 -0.68
C THR D 114 12.60 -8.75 -0.66
N LEU D 115 12.74 -8.02 -1.75
CA LEU D 115 12.14 -6.72 -1.91
C LEU D 115 10.86 -6.91 -2.70
N ALA D 116 9.73 -6.62 -2.09
CA ALA D 116 8.43 -6.75 -2.74
C ALA D 116 7.99 -5.37 -3.19
N LEU D 117 7.41 -5.30 -4.39
CA LEU D 117 7.05 -4.04 -5.00
C LEU D 117 5.73 -4.22 -5.74
N LEU D 118 4.74 -3.40 -5.38
CA LEU D 118 3.40 -3.44 -5.96
C LEU D 118 3.19 -2.14 -6.71
N LEU D 119 3.03 -2.23 -8.04
CA LEU D 119 3.04 -1.08 -8.92
C LEU D 119 1.66 -0.67 -9.43
N SER D 120 1.39 0.62 -9.37
CA SER D 120 0.32 1.32 -10.06
C SER D 120 0.91 2.51 -10.79
N PRO D 121 0.20 3.08 -11.78
CA PRO D 121 0.80 4.21 -12.54
C PRO D 121 1.20 5.39 -11.66
N PHE D 122 0.43 5.71 -10.62
CA PHE D 122 0.74 6.84 -9.74
C PHE D 122 1.06 6.43 -8.32
N SER D 123 1.35 5.15 -8.07
N SER D 123 1.33 5.15 -8.06
CA SER D 123 1.62 4.71 -6.71
CA SER D 123 1.62 4.72 -6.69
C SER D 123 2.48 3.45 -6.73
C SER D 123 2.45 3.45 -6.71
N TYR D 124 3.23 3.25 -5.66
CA TYR D 124 3.79 1.93 -5.42
C TYR D 124 3.92 1.72 -3.93
N THR D 125 3.80 0.46 -3.56
CA THR D 125 4.01 -0.03 -2.21
C THR D 125 5.24 -0.91 -2.24
N THR D 126 6.15 -0.69 -1.31
CA THR D 126 7.29 -1.58 -1.23
C THR D 126 7.49 -2.05 0.20
N THR D 127 7.84 -3.32 0.33
CA THR D 127 8.08 -3.92 1.63
C THR D 127 9.26 -4.88 1.49
N ALA D 128 9.71 -5.39 2.62
CA ALA D 128 10.84 -6.28 2.63
C ALA D 128 10.54 -7.49 3.51
N VAL D 129 11.01 -8.64 3.08
CA VAL D 129 10.97 -9.87 3.85
C VAL D 129 12.41 -10.27 4.07
N VAL D 130 12.84 -10.32 5.33
CA VAL D 130 14.20 -10.67 5.70
C VAL D 130 14.15 -11.99 6.44
N SER D 131 14.93 -12.96 5.98
CA SER D 131 14.92 -14.29 6.53
C SER D 131 15.76 -14.35 7.81
N SER D 132 15.72 -15.49 8.48
CA SER D 132 16.46 -15.69 9.74
C SER D 132 17.81 -16.35 9.49
#